data_3DEA
#
_entry.id   3DEA
#
_cell.length_a   43.32
_cell.length_b   88.32
_cell.length_c   123.69
_cell.angle_alpha   90.00
_cell.angle_beta   90.00
_cell.angle_gamma   90.00
#
_symmetry.space_group_name_H-M   'P 21 21 21'
#
loop_
_entity.id
_entity.type
_entity.pdbx_description
1 polymer Cutinase
2 non-polymer 1,1,1-trifluoro-3-[(2-phenylethyl)sulfanyl]propan-2-one
3 water water
#
_entity_poly.entity_id   1
_entity_poly.type   'polypeptide(L)'
_entity_poly.pdbx_seq_one_letter_code
;AMAISDPQSSTRNELETGSSSACPKVIYIFARASTEPGNMGISAGPIVADALERIYGANDVWVQGVGGPYLADLASNFLP
DGTSSAAINEARRLFTLANTKCPNAAIVSGGYSQGTAVMAGSISGLSTTIKNQIKGVVLFGYTKNLQNLGRIPNFETSKT
EVYCDIADAVCYGTLFILPAHFLYQTDAAVAAPRFLQARIG
;
_entity_poly.pdbx_strand_id   A,B
#
# COMPACT_ATOMS: atom_id res chain seq x y z
N SER A 9 -21.15 21.59 6.94
CA SER A 9 -19.92 20.84 6.52
C SER A 9 -19.10 20.29 7.72
N SER A 10 -19.40 20.85 8.89
CA SER A 10 -18.97 20.38 10.20
C SER A 10 -19.54 19.01 10.65
N THR A 11 -20.73 18.68 10.16
CA THR A 11 -21.33 17.40 10.47
C THR A 11 -21.63 16.65 9.18
N ARG A 12 -21.13 15.42 9.05
CA ARG A 12 -21.35 14.61 7.84
C ARG A 12 -21.57 13.19 8.30
N ASN A 13 -22.66 12.60 7.86
CA ASN A 13 -23.03 11.28 8.33
C ASN A 13 -23.40 10.38 7.19
N GLU A 14 -22.78 10.58 6.04
CA GLU A 14 -23.23 9.90 4.83
C GLU A 14 -23.09 8.39 4.93
N LEU A 15 -22.11 7.93 5.71
CA LEU A 15 -21.98 6.47 5.96
C LEU A 15 -23.08 5.91 6.88
N GLU A 16 -23.34 6.52 8.05
CA GLU A 16 -24.40 6.01 8.98
C GLU A 16 -25.72 5.90 8.25
N THR A 17 -25.94 6.86 7.37
CA THR A 17 -27.22 7.15 6.78
C THR A 17 -27.31 6.51 5.39
N GLY A 18 -26.18 6.02 4.88
CA GLY A 18 -26.07 5.44 3.54
C GLY A 18 -26.74 4.09 3.41
N SER A 19 -27.24 3.78 2.23
CA SER A 19 -27.84 2.48 1.96
C SER A 19 -26.94 1.63 1.08
N SER A 20 -26.87 0.34 1.40
CA SER A 20 -26.00 -0.59 0.69
C SER A 20 -26.47 -0.93 -0.70
N SER A 21 -27.65 -0.44 -1.08
CA SER A 21 -28.08 -0.46 -2.49
C SER A 21 -27.41 0.66 -3.31
N ALA A 22 -26.76 1.62 -2.66
CA ALA A 22 -26.18 2.79 -3.35
C ALA A 22 -24.73 3.05 -2.93
N CYS A 23 -23.94 2.00 -2.88
CA CYS A 23 -22.56 2.07 -2.46
C CYS A 23 -21.74 2.99 -3.32
N PRO A 24 -20.98 3.91 -2.70
CA PRO A 24 -20.16 4.83 -3.49
C PRO A 24 -18.78 4.23 -3.83
N LYS A 25 -17.96 4.99 -4.55
CA LYS A 25 -16.58 4.58 -4.85
C LYS A 25 -15.73 4.69 -3.62
N VAL A 26 -15.98 5.72 -2.84
CA VAL A 26 -15.09 6.08 -1.75
C VAL A 26 -15.95 6.34 -0.54
N ILE A 27 -15.50 5.81 0.60
CA ILE A 27 -16.05 6.15 1.89
C ILE A 27 -14.93 6.82 2.66
N TYR A 28 -15.15 8.06 3.07
CA TYR A 28 -14.13 8.84 3.77
C TYR A 28 -14.53 9.06 5.25
N ILE A 29 -13.70 8.55 6.17
CA ILE A 29 -13.96 8.63 7.61
C ILE A 29 -12.92 9.52 8.32
N PHE A 30 -13.38 10.59 8.98
CA PHE A 30 -12.51 11.58 9.58
C PHE A 30 -12.78 11.77 11.09
N ALA A 31 -11.68 11.75 11.87
CA ALA A 31 -11.67 12.06 13.28
C ALA A 31 -11.02 13.43 13.48
N ARG A 32 -11.77 14.36 14.09
CA ARG A 32 -11.36 15.76 14.18
C ARG A 32 -10.35 16.07 15.30
N ALA A 33 -9.82 17.29 15.29
CA ALA A 33 -8.94 17.81 16.35
C ALA A 33 -9.71 18.12 17.65
N SER A 34 -9.01 18.14 18.77
CA SER A 34 -9.60 18.51 20.07
C SER A 34 -10.38 19.80 19.96
N THR A 35 -11.61 19.84 20.49
CA THR A 35 -12.30 21.14 20.52
C THR A 35 -13.10 21.47 19.24
N GLU A 36 -12.73 20.90 18.11
CA GLU A 36 -13.44 21.16 16.86
C GLU A 36 -14.93 20.82 16.94
N PRO A 37 -15.80 21.66 16.36
CA PRO A 37 -17.23 21.36 16.28
C PRO A 37 -17.64 20.19 15.34
N GLY A 38 -18.82 19.64 15.59
CA GLY A 38 -19.42 18.62 14.76
C GLY A 38 -18.72 17.29 14.91
N ASN A 39 -18.77 16.51 13.84
CA ASN A 39 -17.94 15.32 13.73
C ASN A 39 -16.84 15.44 12.66
N MET A 40 -16.77 16.57 11.95
CA MET A 40 -15.75 16.81 10.93
C MET A 40 -14.81 17.92 11.33
N GLY A 41 -15.27 18.78 12.23
CA GLY A 41 -14.53 19.97 12.58
C GLY A 41 -14.54 20.96 11.44
N ILE A 42 -13.55 21.86 11.43
CA ILE A 42 -13.57 23.05 10.59
C ILE A 42 -12.25 23.29 9.83
N SER A 43 -11.31 22.36 9.89
CA SER A 43 -10.02 22.52 9.19
C SER A 43 -9.70 21.36 8.25
N ALA A 44 -8.75 20.49 8.63
CA ALA A 44 -8.31 19.35 7.79
C ALA A 44 -9.46 18.51 7.23
N GLY A 45 -10.47 18.26 8.06
CA GLY A 45 -11.56 17.38 7.72
C GLY A 45 -12.34 17.74 6.47
N PRO A 46 -13.09 18.86 6.50
CA PRO A 46 -13.82 19.39 5.36
C PRO A 46 -12.96 19.66 4.13
N ILE A 47 -11.70 20.06 4.33
CA ILE A 47 -10.80 20.29 3.19
C ILE A 47 -10.52 18.98 2.42
N VAL A 48 -10.25 17.89 3.14
CA VAL A 48 -10.05 16.61 2.46
C VAL A 48 -11.37 16.08 1.88
N ALA A 49 -12.47 16.28 2.60
CA ALA A 49 -13.80 15.89 2.14
C ALA A 49 -14.12 16.54 0.78
N ASP A 50 -13.90 17.86 0.66
CA ASP A 50 -14.13 18.60 -0.58
C ASP A 50 -13.21 18.20 -1.69
N ALA A 51 -11.92 18.03 -1.39
CA ALA A 51 -11.01 17.57 -2.42
C ALA A 51 -11.43 16.22 -2.97
N LEU A 52 -11.78 15.26 -2.09
CA LEU A 52 -12.23 13.95 -2.56
C LEU A 52 -13.50 14.05 -3.40
N GLU A 53 -14.48 14.83 -2.95
CA GLU A 53 -15.72 15.04 -3.72
C GLU A 53 -15.47 15.72 -5.08
N ARG A 54 -14.51 16.63 -5.16
CA ARG A 54 -14.09 17.17 -6.46
C ARG A 54 -13.53 16.12 -7.40
N ILE A 55 -12.73 15.18 -6.87
CA ILE A 55 -12.07 14.17 -7.71
C ILE A 55 -13.05 13.08 -8.19
N TYR A 56 -13.95 12.65 -7.29
CA TYR A 56 -14.79 11.42 -7.50
C TYR A 56 -16.24 11.69 -7.76
N GLY A 57 -16.74 12.85 -7.34
CA GLY A 57 -18.15 13.09 -7.38
C GLY A 57 -18.70 13.13 -5.98
N ALA A 58 -19.45 14.18 -5.67
CA ALA A 58 -20.15 14.28 -4.42
C ALA A 58 -21.03 13.04 -4.17
N ASN A 59 -21.63 12.50 -5.21
CA ASN A 59 -22.44 11.30 -5.11
C ASN A 59 -21.64 9.99 -4.89
N ASP A 60 -20.36 10.00 -5.24
CA ASP A 60 -19.51 8.81 -5.17
C ASP A 60 -18.52 8.83 -4.03
N VAL A 61 -18.70 9.76 -3.10
CA VAL A 61 -17.95 9.79 -1.83
C VAL A 61 -18.96 9.90 -0.71
N TRP A 62 -18.94 8.94 0.23
CA TRP A 62 -19.64 9.13 1.51
C TRP A 62 -18.70 9.68 2.55
N VAL A 63 -19.01 10.88 3.00
CA VAL A 63 -18.25 11.55 4.03
C VAL A 63 -18.84 11.30 5.42
N GLN A 64 -17.98 10.94 6.35
CA GLN A 64 -18.44 10.51 7.64
C GLN A 64 -17.50 10.93 8.76
N GLY A 65 -18.03 11.69 9.70
CA GLY A 65 -17.24 12.09 10.85
C GLY A 65 -17.36 11.05 11.93
N VAL A 66 -16.32 10.95 12.77
CA VAL A 66 -16.38 10.14 14.00
C VAL A 66 -17.00 11.00 15.12
N GLY A 67 -18.28 10.81 15.39
CA GLY A 67 -18.97 11.54 16.45
C GLY A 67 -19.36 10.62 17.57
N GLY A 68 -20.67 10.57 17.88
CA GLY A 68 -21.20 9.76 18.97
C GLY A 68 -20.40 10.15 20.19
N PRO A 69 -19.77 9.16 20.86
CA PRO A 69 -19.02 9.40 22.10
C PRO A 69 -17.59 10.02 21.98
N TYR A 70 -17.07 10.15 20.73
CA TYR A 70 -15.84 10.93 20.52
C TYR A 70 -16.11 12.43 20.69
N LEU A 71 -15.86 12.89 21.91
CA LEU A 71 -16.24 14.24 22.34
C LEU A 71 -15.21 15.29 21.96
N ALA A 72 -14.02 14.83 21.58
CA ALA A 72 -12.88 15.71 21.20
C ALA A 72 -12.40 16.68 22.27
N ASP A 73 -12.56 16.31 23.53
CA ASP A 73 -12.06 17.09 24.65
C ASP A 73 -10.54 16.99 24.81
N LEU A 74 -9.92 18.11 25.20
CA LEU A 74 -8.47 18.14 25.41
C LEU A 74 -7.92 17.13 26.41
N ALA A 75 -8.57 16.94 27.56
CA ALA A 75 -8.08 16.04 28.63
C ALA A 75 -7.74 14.63 28.14
N SER A 76 -8.56 14.12 27.21
CA SER A 76 -8.43 12.76 26.73
C SER A 76 -7.12 12.54 25.96
N ASN A 77 -6.49 13.61 25.50
CA ASN A 77 -5.14 13.54 24.89
C ASN A 77 -4.09 12.89 25.80
N PHE A 78 -4.40 12.79 27.11
CA PHE A 78 -3.50 12.30 28.16
C PHE A 78 -3.79 10.88 28.58
N LEU A 79 -4.87 10.31 28.07
CA LEU A 79 -5.12 8.88 28.29
C LEU A 79 -4.04 8.03 27.61
N PRO A 80 -3.91 6.74 28.00
CA PRO A 80 -2.73 6.01 27.48
C PRO A 80 -2.62 5.99 25.93
N ASP A 81 -3.75 5.81 25.26
CA ASP A 81 -3.84 5.79 23.79
C ASP A 81 -3.89 7.17 23.10
N GLY A 82 -3.80 8.25 23.86
CA GLY A 82 -3.89 9.61 23.31
C GLY A 82 -5.31 10.05 23.00
N THR A 83 -6.27 9.21 23.37
CA THR A 83 -7.69 9.52 23.23
C THR A 83 -8.45 8.54 24.10
N SER A 84 -9.76 8.69 24.16
CA SER A 84 -10.60 7.81 24.95
C SER A 84 -10.86 6.51 24.23
N SER A 85 -11.18 5.48 24.99
CA SER A 85 -11.51 4.16 24.45
C SER A 85 -12.85 4.10 23.71
N ALA A 86 -13.76 5.02 24.06
CA ALA A 86 -15.04 5.18 23.37
C ALA A 86 -14.91 5.85 21.98
N ALA A 87 -13.98 6.79 21.82
CA ALA A 87 -13.71 7.37 20.51
C ALA A 87 -13.14 6.30 19.57
N ILE A 88 -12.22 5.49 20.08
CA ILE A 88 -11.62 4.40 19.38
C ILE A 88 -12.64 3.34 18.96
N ASN A 89 -13.57 3.01 19.85
CA ASN A 89 -14.60 2.04 19.51
C ASN A 89 -15.59 2.57 18.49
N GLU A 90 -15.87 3.87 18.55
CA GLU A 90 -16.74 4.50 17.56
C GLU A 90 -16.12 4.53 16.14
N ALA A 91 -14.83 4.82 16.04
CA ALA A 91 -14.14 4.75 14.72
C ALA A 91 -14.15 3.32 14.18
N ARG A 92 -13.81 2.33 15.02
CA ARG A 92 -13.99 0.88 14.72
C ARG A 92 -15.37 0.50 14.22
N ARG A 93 -16.38 0.99 14.92
CA ARG A 93 -17.78 0.77 14.57
C ARG A 93 -18.06 1.23 13.15
N LEU A 94 -17.59 2.42 12.85
CA LEU A 94 -17.75 3.06 11.54
C LEU A 94 -17.01 2.37 10.39
N PHE A 95 -15.72 2.05 10.55
CA PHE A 95 -14.99 1.21 9.54
C PHE A 95 -15.65 -0.14 9.29
N THR A 96 -16.10 -0.72 10.37
CA THR A 96 -16.82 -1.96 10.31
C THR A 96 -18.14 -1.76 9.51
N LEU A 97 -18.89 -0.70 9.77
CA LEU A 97 -20.12 -0.40 9.02
C LEU A 97 -19.84 -0.24 7.52
N ALA A 98 -18.69 0.35 7.19
CA ALA A 98 -18.31 0.62 5.79
C ALA A 98 -18.14 -0.69 5.05
N ASN A 99 -17.48 -1.60 5.72
CA ASN A 99 -17.21 -2.92 5.21
C ASN A 99 -18.45 -3.80 5.11
N THR A 100 -19.36 -3.74 6.09
CA THR A 100 -20.61 -4.49 5.96
C THR A 100 -21.53 -3.90 4.88
N LYS A 101 -21.70 -2.60 4.89
CA LYS A 101 -22.58 -1.93 3.92
C LYS A 101 -22.03 -2.04 2.50
N CYS A 102 -20.74 -1.68 2.33
CA CYS A 102 -20.11 -1.54 0.99
C CYS A 102 -18.70 -2.15 0.94
N PRO A 103 -18.61 -3.51 0.86
CA PRO A 103 -17.32 -4.23 0.98
C PRO A 103 -16.28 -3.90 -0.11
N ASN A 104 -16.74 -3.19 -1.14
CA ASN A 104 -15.96 -2.89 -2.38
C ASN A 104 -15.60 -1.40 -2.51
N ALA A 105 -16.22 -0.51 -1.70
CA ALA A 105 -15.77 0.87 -1.62
C ALA A 105 -14.35 0.94 -1.13
N ALA A 106 -13.61 1.91 -1.62
CA ALA A 106 -12.30 2.22 -1.11
C ALA A 106 -12.58 3.06 0.13
N ILE A 107 -12.14 2.60 1.30
CA ILE A 107 -12.19 3.39 2.53
C ILE A 107 -10.89 4.20 2.63
N VAL A 108 -11.02 5.50 2.82
CA VAL A 108 -9.90 6.35 3.14
C VAL A 108 -10.26 7.05 4.41
N SER A 109 -9.24 7.48 5.16
CA SER A 109 -9.53 8.12 6.42
C SER A 109 -8.50 9.18 6.76
N GLY A 110 -8.86 10.03 7.71
CA GLY A 110 -7.97 11.08 8.14
C GLY A 110 -8.16 11.39 9.60
N GLY A 111 -7.16 12.00 10.20
CA GLY A 111 -7.25 12.45 11.56
C GLY A 111 -6.42 13.69 11.69
N TYR A 112 -6.88 14.59 12.55
CA TYR A 112 -6.14 15.80 12.85
C TYR A 112 -5.98 15.90 14.36
N SER A 113 -4.73 15.93 14.80
CA SER A 113 -4.38 16.01 16.21
C SER A 113 -4.91 14.81 17.02
N GLN A 114 -5.84 15.01 17.96
CA GLN A 114 -6.37 13.87 18.72
C GLN A 114 -7.07 12.84 17.83
N GLY A 115 -7.63 13.28 16.71
CA GLY A 115 -8.28 12.35 15.77
C GLY A 115 -7.30 11.35 15.16
N THR A 116 -6.04 11.79 15.15
CA THR A 116 -4.86 11.03 14.76
C THR A 116 -4.68 9.80 15.67
N ALA A 117 -4.88 10.03 16.98
CA ALA A 117 -4.86 9.01 18.00
C ALA A 117 -6.11 8.15 17.93
N VAL A 118 -7.24 8.72 17.49
CA VAL A 118 -8.45 7.89 17.23
C VAL A 118 -8.22 6.96 16.04
N MET A 119 -7.58 7.48 14.99
CA MET A 119 -7.29 6.70 13.77
C MET A 119 -6.29 5.58 14.05
N ALA A 120 -5.19 5.90 14.70
CA ALA A 120 -4.17 4.89 15.05
C ALA A 120 -4.70 3.80 15.99
N GLY A 121 -5.42 4.19 17.03
CA GLY A 121 -5.95 3.19 17.96
C GLY A 121 -7.05 2.29 17.40
N SER A 122 -7.96 2.85 16.59
CA SER A 122 -9.01 2.03 15.97
C SER A 122 -8.46 1.07 14.90
N ILE A 123 -7.70 1.59 13.95
CA ILE A 123 -7.23 0.80 12.80
C ILE A 123 -6.28 -0.35 13.23
N SER A 124 -5.41 -0.06 14.20
CA SER A 124 -4.46 -1.06 14.68
C SER A 124 -5.16 -2.33 15.21
N GLY A 125 -6.39 -2.17 15.69
CA GLY A 125 -7.16 -3.27 16.26
C GLY A 125 -8.19 -3.95 15.36
N LEU A 126 -8.23 -3.60 14.08
CA LEU A 126 -9.27 -4.10 13.16
C LEU A 126 -8.79 -5.34 12.43
N SER A 127 -9.74 -6.09 11.88
CA SER A 127 -9.45 -7.35 11.23
C SER A 127 -8.67 -7.14 9.94
N THR A 128 -8.06 -8.21 9.45
CA THR A 128 -7.31 -8.18 8.18
C THR A 128 -8.17 -7.73 7.03
N THR A 129 -9.41 -8.21 7.02
CA THR A 129 -10.25 -7.93 5.90
C THR A 129 -10.73 -6.46 5.87
N ILE A 130 -11.00 -5.86 7.04
CA ILE A 130 -11.33 -4.43 7.11
C ILE A 130 -10.14 -3.55 6.76
N LYS A 131 -8.98 -3.81 7.37
CA LYS A 131 -7.75 -3.08 7.06
C LYS A 131 -7.36 -3.14 5.58
N ASN A 132 -7.67 -4.25 4.93
CA ASN A 132 -7.42 -4.37 3.50
C ASN A 132 -8.27 -3.40 2.70
N GLN A 133 -9.49 -3.12 3.18
CA GLN A 133 -10.41 -2.20 2.47
C GLN A 133 -10.04 -0.71 2.68
N ILE A 134 -9.25 -0.43 3.71
CA ILE A 134 -8.72 0.89 3.95
C ILE A 134 -7.54 1.12 2.99
N LYS A 135 -7.73 2.00 2.00
CA LYS A 135 -6.73 2.15 0.95
C LYS A 135 -5.69 3.22 1.27
N GLY A 136 -5.96 4.05 2.27
CA GLY A 136 -5.12 5.22 2.53
C GLY A 136 -5.57 5.91 3.80
N VAL A 137 -4.61 6.36 4.61
CA VAL A 137 -4.88 7.06 5.85
C VAL A 137 -3.95 8.26 5.94
N VAL A 138 -4.53 9.44 6.16
CA VAL A 138 -3.75 10.67 6.31
C VAL A 138 -3.85 11.25 7.71
N LEU A 139 -2.69 11.49 8.33
CA LEU A 139 -2.63 11.99 9.72
C LEU A 139 -1.93 13.35 9.77
N PHE A 140 -2.62 14.33 10.33
CA PHE A 140 -2.17 15.72 10.33
C PHE A 140 -1.88 16.07 11.76
N GLY A 141 -0.62 16.40 12.06
CA GLY A 141 -0.22 16.67 13.45
C GLY A 141 -0.42 15.46 14.33
N TYR A 142 0.28 14.38 13.98
CA TYR A 142 0.14 13.07 14.63
C TYR A 142 0.72 13.05 16.04
N THR A 143 -0.17 13.07 17.03
CA THR A 143 0.23 13.11 18.44
C THR A 143 1.01 11.90 18.93
N LYS A 144 0.87 10.76 18.25
CA LYS A 144 1.66 9.56 18.57
C LYS A 144 2.73 9.29 17.52
N ASN A 145 3.22 10.33 16.87
CA ASN A 145 4.24 10.19 15.83
C ASN A 145 5.50 9.42 16.30
N LEU A 146 6.07 9.87 17.42
CA LEU A 146 7.32 9.28 17.94
C LEU A 146 7.06 7.93 18.60
N GLN A 147 6.02 7.89 19.43
CA GLN A 147 5.65 6.69 20.16
C GLN A 147 5.38 5.52 19.22
N ASN A 148 4.78 5.82 18.06
CA ASN A 148 4.39 4.84 17.04
C ASN A 148 5.35 4.75 15.82
N LEU A 149 6.45 5.49 15.89
CA LEU A 149 7.51 5.41 14.89
C LEU A 149 7.00 5.82 13.51
N GLY A 150 6.17 6.87 13.49
CA GLY A 150 5.70 7.46 12.25
C GLY A 150 4.75 6.60 11.47
N ARG A 151 4.11 5.64 12.13
CA ARG A 151 3.18 4.76 11.47
C ARG A 151 2.01 4.36 12.39
N ILE A 152 1.06 3.62 11.86
CA ILE A 152 -0.04 3.06 12.64
C ILE A 152 0.29 1.59 12.96
N PRO A 153 0.28 1.22 14.25
CA PRO A 153 0.63 -0.18 14.56
C PRO A 153 -0.28 -1.19 13.86
N ASN A 154 0.32 -2.25 13.29
CA ASN A 154 -0.40 -3.35 12.57
C ASN A 154 -1.12 -3.00 11.24
N PHE A 155 -0.73 -1.87 10.63
CA PHE A 155 -1.33 -1.35 9.40
C PHE A 155 -0.21 -0.99 8.42
N GLU A 156 -0.31 -1.47 7.18
CA GLU A 156 0.78 -1.29 6.21
C GLU A 156 1.19 0.16 6.00
N THR A 157 2.51 0.45 6.02
CA THR A 157 2.98 1.86 6.07
C THR A 157 2.86 2.56 4.74
N SER A 158 2.80 1.77 3.67
CA SER A 158 2.61 2.31 2.33
C SER A 158 1.22 2.95 2.15
N LYS A 159 0.27 2.57 3.01
CA LYS A 159 -1.10 3.10 3.01
C LYS A 159 -1.27 4.33 3.93
N THR A 160 -0.26 4.59 4.75
CA THR A 160 -0.24 5.65 5.76
C THR A 160 0.60 6.88 5.33
N GLU A 161 0.07 8.08 5.54
CA GLU A 161 0.85 9.29 5.32
C GLU A 161 0.73 10.24 6.52
N VAL A 162 1.88 10.58 7.11
CA VAL A 162 1.93 11.47 8.25
C VAL A 162 2.39 12.86 7.83
N TYR A 163 1.54 13.86 8.05
CA TYR A 163 1.92 15.24 7.91
C TYR A 163 2.24 15.77 9.30
N CYS A 164 3.54 15.91 9.54
CA CYS A 164 4.10 16.30 10.83
C CYS A 164 5.07 17.44 10.60
N ASP A 165 4.61 18.66 10.88
CA ASP A 165 5.40 19.86 10.64
C ASP A 165 6.60 19.91 11.58
N ILE A 166 7.71 20.47 11.11
CA ILE A 166 8.92 20.56 11.95
C ILE A 166 8.70 21.32 13.26
N ALA A 167 7.84 22.34 13.20
CA ALA A 167 7.47 23.14 14.37
C ALA A 167 6.30 22.54 15.16
N ASP A 168 5.83 21.35 14.78
CA ASP A 168 4.72 20.74 15.50
C ASP A 168 5.19 19.91 16.67
N ALA A 169 4.93 20.42 17.87
CA ALA A 169 5.47 19.86 19.09
C ALA A 169 4.87 18.48 19.39
N VAL A 170 3.62 18.24 18.97
CA VAL A 170 2.96 16.94 19.26
C VAL A 170 3.66 15.79 18.53
N CYS A 171 4.36 16.15 17.44
CA CYS A 171 5.06 15.20 16.58
C CYS A 171 6.39 14.67 17.13
N TYR A 172 6.84 15.22 18.26
CA TYR A 172 8.11 14.78 18.88
C TYR A 172 7.96 14.00 20.18
N GLY A 173 6.76 13.50 20.48
CA GLY A 173 6.52 12.70 21.69
C GLY A 173 6.51 13.52 22.96
N PHE A 182 -3.17 26.31 12.84
CA PHE A 182 -3.35 25.38 11.71
C PHE A 182 -2.20 25.33 10.67
N LEU A 183 -1.37 24.29 10.79
CA LEU A 183 -0.13 24.21 10.03
C LEU A 183 -0.24 23.36 8.77
N TYR A 184 -1.43 22.86 8.50
CA TYR A 184 -1.60 21.81 7.50
C TYR A 184 -2.60 22.12 6.40
N GLN A 185 -2.68 23.38 5.96
CA GLN A 185 -3.66 23.76 4.95
C GLN A 185 -3.29 23.29 3.57
N THR A 186 -2.06 23.48 3.14
CA THR A 186 -1.68 22.93 1.86
C THR A 186 -1.53 21.37 1.89
N ASP A 187 -1.09 20.81 3.02
CA ASP A 187 -1.06 19.35 3.17
C ASP A 187 -2.45 18.78 2.94
N ALA A 188 -3.45 19.32 3.64
CA ALA A 188 -4.84 18.92 3.54
C ALA A 188 -5.47 19.15 2.14
N ALA A 189 -5.25 20.34 1.57
CA ALA A 189 -5.86 20.72 0.29
C ALA A 189 -5.20 20.13 -0.96
N VAL A 190 -3.89 19.83 -0.86
CA VAL A 190 -3.08 19.46 -2.03
C VAL A 190 -2.42 18.08 -1.91
N ALA A 191 -1.60 17.87 -0.89
CA ALA A 191 -0.77 16.68 -0.78
C ALA A 191 -1.56 15.45 -0.32
N ALA A 192 -2.52 15.63 0.60
CA ALA A 192 -3.29 14.51 1.11
C ALA A 192 -4.26 13.89 0.06
N PRO A 193 -5.03 14.73 -0.65
CA PRO A 193 -5.91 14.23 -1.71
C PRO A 193 -5.15 13.45 -2.78
N ARG A 194 -3.95 13.91 -3.15
CA ARG A 194 -3.17 13.22 -4.17
C ARG A 194 -2.66 11.88 -3.70
N PHE A 195 -2.23 11.85 -2.43
CA PHE A 195 -1.76 10.62 -1.80
C PHE A 195 -2.92 9.63 -1.82
N LEU A 196 -4.09 10.10 -1.39
CA LEU A 196 -5.29 9.23 -1.33
C LEU A 196 -5.71 8.80 -2.72
N GLN A 197 -5.81 9.73 -3.65
CA GLN A 197 -6.14 9.39 -5.00
C GLN A 197 -5.23 8.33 -5.64
N ALA A 198 -3.92 8.46 -5.47
CA ALA A 198 -2.96 7.47 -5.98
C ALA A 198 -3.31 6.08 -5.48
N ARG A 199 -3.89 5.99 -4.28
CA ARG A 199 -4.26 4.66 -3.82
C ARG A 199 -5.72 4.18 -4.02
N ILE A 200 -6.68 5.11 -4.16
CA ILE A 200 -8.05 4.74 -4.48
C ILE A 200 -8.03 4.13 -5.90
N GLY A 201 -7.13 4.66 -6.74
CA GLY A 201 -6.99 4.18 -8.11
C GLY A 201 -8.27 4.50 -8.87
N SER B 9 10.24 0.15 -23.33
CA SER B 9 10.66 -1.25 -22.98
C SER B 9 11.24 -1.36 -21.56
N SER B 10 12.16 -0.43 -21.24
CA SER B 10 12.86 -0.40 -19.97
C SER B 10 11.99 0.28 -18.90
N THR B 11 10.99 1.07 -19.33
CA THR B 11 9.98 1.70 -18.45
C THR B 11 8.54 1.23 -18.75
N ARG B 12 7.93 0.49 -17.82
CA ARG B 12 6.50 0.14 -17.97
C ARG B 12 5.72 0.54 -16.72
N ASN B 13 4.61 1.26 -16.93
CA ASN B 13 3.72 1.66 -15.89
C ASN B 13 2.26 1.38 -16.16
N GLU B 14 1.97 0.21 -16.70
CA GLU B 14 0.58 -0.14 -17.09
C GLU B 14 -0.41 -0.31 -15.91
N LEU B 15 0.07 -0.76 -14.75
CA LEU B 15 -0.76 -0.82 -13.54
C LEU B 15 -1.06 0.59 -13.06
N GLU B 16 -0.03 1.42 -13.08
CA GLU B 16 -0.15 2.79 -12.64
C GLU B 16 -1.15 3.58 -13.47
N THR B 17 -1.14 3.38 -14.79
CA THR B 17 -2.05 4.10 -15.69
C THR B 17 -3.30 3.29 -16.07
N GLY B 18 -3.35 2.02 -15.62
CA GLY B 18 -4.43 1.11 -15.97
C GLY B 18 -5.76 1.53 -15.39
N SER B 19 -6.84 1.20 -16.10
CA SER B 19 -8.18 1.57 -15.66
C SER B 19 -8.86 0.46 -14.88
N SER B 20 -9.50 0.79 -13.76
CA SER B 20 -10.14 -0.26 -12.96
C SER B 20 -11.37 -0.88 -13.65
N SER B 21 -11.84 -0.21 -14.71
CA SER B 21 -12.95 -0.72 -15.50
C SER B 21 -12.52 -1.50 -16.78
N ALA B 22 -11.23 -1.67 -16.99
CA ALA B 22 -10.77 -2.58 -18.05
C ALA B 22 -9.63 -3.41 -17.48
N CYS B 23 -9.90 -4.04 -16.34
CA CYS B 23 -8.92 -4.87 -15.65
C CYS B 23 -8.47 -6.03 -16.53
N PRO B 24 -7.17 -6.41 -16.48
CA PRO B 24 -6.67 -7.49 -17.34
C PRO B 24 -6.66 -8.86 -16.62
N LYS B 25 -6.23 -9.88 -17.36
CA LYS B 25 -6.07 -11.23 -16.81
C LYS B 25 -4.89 -11.25 -15.81
N VAL B 26 -3.79 -10.59 -16.17
CA VAL B 26 -2.54 -10.72 -15.45
C VAL B 26 -1.99 -9.32 -15.19
N ILE B 27 -1.50 -9.09 -13.98
CA ILE B 27 -0.77 -7.88 -13.67
C ILE B 27 0.61 -8.41 -13.28
N TYR B 28 1.63 -7.92 -13.97
CA TYR B 28 3.01 -8.41 -13.82
C TYR B 28 3.86 -7.27 -13.29
N ILE B 29 4.42 -7.49 -12.10
CA ILE B 29 5.17 -6.45 -11.39
C ILE B 29 6.61 -6.90 -11.26
N PHE B 30 7.55 -6.05 -11.71
CA PHE B 30 8.96 -6.43 -11.79
C PHE B 30 9.89 -5.41 -11.16
N ALA B 31 10.80 -5.88 -10.32
CA ALA B 31 11.82 -5.05 -9.67
C ALA B 31 13.23 -5.36 -10.24
N ARG B 32 13.85 -4.35 -10.85
CA ARG B 32 15.08 -4.54 -11.65
C ARG B 32 16.35 -4.80 -10.85
N ALA B 33 17.46 -5.07 -11.53
CA ALA B 33 18.76 -5.22 -10.85
C ALA B 33 19.46 -3.86 -10.62
N SER B 34 20.39 -3.85 -9.66
CA SER B 34 21.25 -2.67 -9.42
C SER B 34 21.76 -2.07 -10.73
N THR B 35 21.65 -0.74 -10.87
CA THR B 35 22.16 0.07 -12.01
C THR B 35 21.46 -0.16 -13.37
N GLU B 36 20.40 -0.97 -13.38
CA GLU B 36 19.60 -1.15 -14.58
C GLU B 36 18.75 0.08 -14.80
N PRO B 37 18.57 0.49 -16.06
CA PRO B 37 17.79 1.71 -16.35
C PRO B 37 16.25 1.50 -16.30
N GLY B 38 15.52 2.60 -16.36
CA GLY B 38 14.06 2.59 -16.33
C GLY B 38 13.52 1.96 -15.06
N ASN B 39 12.37 1.32 -15.14
CA ASN B 39 11.88 0.55 -13.99
C ASN B 39 11.79 -0.95 -14.24
N MET B 40 12.10 -1.38 -15.47
CA MET B 40 12.09 -2.80 -15.85
C MET B 40 13.48 -3.33 -16.10
N GLY B 41 14.44 -2.43 -16.23
CA GLY B 41 15.78 -2.78 -16.66
C GLY B 41 15.82 -3.32 -18.10
N ILE B 42 16.88 -4.05 -18.41
CA ILE B 42 17.11 -4.50 -19.79
C ILE B 42 17.36 -6.01 -19.88
N SER B 43 17.18 -6.73 -18.77
CA SER B 43 17.45 -8.18 -18.76
C SER B 43 16.20 -9.04 -18.47
N ALA B 44 16.18 -9.68 -17.29
CA ALA B 44 15.10 -10.58 -16.87
C ALA B 44 13.67 -10.00 -16.95
N GLY B 45 13.50 -8.74 -16.58
CA GLY B 45 12.17 -8.14 -16.57
C GLY B 45 11.47 -8.09 -17.92
N PRO B 46 12.04 -7.34 -18.88
CA PRO B 46 11.51 -7.30 -20.26
C PRO B 46 11.40 -8.68 -20.93
N ILE B 47 12.20 -9.66 -20.51
CA ILE B 47 12.17 -10.99 -21.15
C ILE B 47 10.98 -11.78 -20.64
N VAL B 48 10.74 -11.73 -19.32
CA VAL B 48 9.56 -12.34 -18.70
C VAL B 48 8.28 -11.62 -19.17
N ALA B 49 8.35 -10.29 -19.28
CA ALA B 49 7.22 -9.48 -19.74
C ALA B 49 6.70 -9.85 -21.13
N ASP B 50 7.61 -10.03 -22.09
CA ASP B 50 7.25 -10.40 -23.47
C ASP B 50 6.76 -11.83 -23.60
N ALA B 51 7.30 -12.72 -22.77
CA ALA B 51 6.84 -14.09 -22.72
C ALA B 51 5.43 -14.21 -22.12
N LEU B 52 5.08 -13.35 -21.16
CA LEU B 52 3.73 -13.32 -20.58
C LEU B 52 2.76 -12.69 -21.57
N GLU B 53 3.21 -11.69 -22.31
CA GLU B 53 2.37 -11.04 -23.29
C GLU B 53 2.23 -11.86 -24.57
N ARG B 54 3.09 -12.85 -24.75
CA ARG B 54 2.91 -13.80 -25.85
C ARG B 54 1.91 -14.87 -25.44
N ILE B 55 2.04 -15.40 -24.22
CA ILE B 55 1.10 -16.39 -23.70
C ILE B 55 -0.35 -15.86 -23.62
N TYR B 56 -0.53 -14.60 -23.21
CA TYR B 56 -1.87 -14.04 -22.89
C TYR B 56 -2.37 -12.92 -23.79
N GLY B 57 -1.45 -12.25 -24.50
CA GLY B 57 -1.78 -11.06 -25.26
C GLY B 57 -1.41 -9.80 -24.49
N ALA B 58 -1.02 -8.75 -25.20
CA ALA B 58 -0.52 -7.54 -24.57
C ALA B 58 -1.58 -6.72 -23.84
N ASN B 59 -2.84 -6.83 -24.26
CA ASN B 59 -3.93 -6.10 -23.61
C ASN B 59 -4.46 -6.78 -22.33
N ASP B 60 -4.10 -8.05 -22.17
CA ASP B 60 -4.49 -8.87 -21.03
C ASP B 60 -3.37 -9.09 -19.99
N VAL B 61 -2.27 -8.33 -20.11
CA VAL B 61 -1.22 -8.26 -19.08
C VAL B 61 -0.93 -6.78 -18.80
N TRP B 62 -1.05 -6.32 -17.55
CA TRP B 62 -0.45 -5.01 -17.21
C TRP B 62 0.99 -5.26 -16.78
N VAL B 63 1.93 -4.59 -17.45
CA VAL B 63 3.34 -4.75 -17.13
C VAL B 63 3.75 -3.52 -16.32
N GLN B 64 4.30 -3.78 -15.14
CA GLN B 64 4.61 -2.70 -14.22
C GLN B 64 6.00 -2.93 -13.61
N GLY B 65 6.84 -1.91 -13.72
CA GLY B 65 8.16 -1.95 -13.05
C GLY B 65 8.10 -1.23 -11.72
N VAL B 66 8.95 -1.65 -10.78
CA VAL B 66 9.05 -0.98 -9.48
C VAL B 66 10.08 0.11 -9.67
N GLY B 67 9.58 1.33 -9.82
CA GLY B 67 10.41 2.50 -9.99
C GLY B 67 10.25 3.44 -8.82
N GLY B 68 9.96 4.70 -9.10
CA GLY B 68 9.84 5.74 -8.06
C GLY B 68 11.08 5.82 -7.20
N PRO B 69 10.92 5.73 -5.86
CA PRO B 69 12.12 5.80 -5.00
C PRO B 69 13.05 4.57 -5.08
N TYR B 70 12.68 3.49 -5.78
CA TYR B 70 13.60 2.37 -6.00
C TYR B 70 14.67 2.75 -7.03
N LEU B 71 15.80 3.22 -6.54
CA LEU B 71 16.86 3.74 -7.42
C LEU B 71 17.79 2.68 -7.99
N ALA B 72 17.73 1.45 -7.46
CA ALA B 72 18.66 0.35 -7.83
C ALA B 72 20.14 0.74 -7.76
N ASP B 73 20.49 1.52 -6.75
CA ASP B 73 21.87 1.84 -6.47
C ASP B 73 22.52 0.63 -5.79
N LEU B 74 23.81 0.47 -6.05
CA LEU B 74 24.56 -0.67 -5.58
C LEU B 74 24.73 -0.71 -4.06
N ALA B 75 24.90 0.46 -3.46
CA ALA B 75 25.07 0.62 -2.00
C ALA B 75 23.98 -0.10 -1.22
N SER B 76 22.74 0.05 -1.70
CA SER B 76 21.54 -0.43 -0.99
C SER B 76 21.46 -1.95 -0.76
N ASN B 77 22.10 -2.72 -1.64
CA ASN B 77 22.33 -4.17 -1.42
C ASN B 77 22.93 -4.49 -0.06
N PHE B 78 23.57 -3.50 0.58
CA PHE B 78 24.30 -3.71 1.84
C PHE B 78 23.51 -3.24 3.06
N LEU B 79 22.30 -2.75 2.82
CA LEU B 79 21.37 -2.40 3.90
C LEU B 79 20.86 -3.70 4.46
N PRO B 80 20.42 -3.73 5.72
CA PRO B 80 19.99 -5.02 6.28
C PRO B 80 18.92 -5.85 5.48
N ASP B 81 18.00 -5.23 4.73
CA ASP B 81 16.98 -6.00 3.98
C ASP B 81 17.46 -6.40 2.58
N GLY B 82 18.71 -6.07 2.27
CA GLY B 82 19.23 -6.28 0.93
C GLY B 82 18.78 -5.22 -0.03
N THR B 83 18.05 -4.20 0.44
CA THR B 83 17.63 -3.07 -0.40
C THR B 83 17.17 -1.95 0.50
N SER B 84 16.72 -0.85 -0.09
CA SER B 84 16.16 0.24 0.71
C SER B 84 14.73 -0.04 1.15
N SER B 85 14.42 0.43 2.35
CA SER B 85 13.10 0.45 2.86
C SER B 85 12.15 1.19 1.90
N ALA B 86 12.63 2.22 1.21
CA ALA B 86 11.77 2.98 0.31
C ALA B 86 11.39 2.15 -0.93
N ALA B 87 12.27 1.24 -1.33
CA ALA B 87 12.03 0.39 -2.48
C ALA B 87 11.01 -0.65 -2.08
N ILE B 88 11.16 -1.21 -0.88
CA ILE B 88 10.22 -2.17 -0.32
C ILE B 88 8.80 -1.57 -0.23
N ASN B 89 8.68 -0.37 0.33
CA ASN B 89 7.41 0.37 0.32
C ASN B 89 6.79 0.64 -1.05
N GLU B 90 7.61 1.02 -2.03
CA GLU B 90 7.10 1.29 -3.38
C GLU B 90 6.54 -0.02 -3.97
N ALA B 91 7.25 -1.13 -3.77
CA ALA B 91 6.74 -2.41 -4.23
C ALA B 91 5.41 -2.77 -3.54
N ARG B 92 5.30 -2.56 -2.23
CA ARG B 92 4.04 -2.79 -1.51
C ARG B 92 2.90 -1.92 -2.01
N ARG B 93 3.18 -0.63 -2.21
CA ARG B 93 2.24 0.27 -2.85
C ARG B 93 1.67 -0.30 -4.15
N LEU B 94 2.53 -0.79 -5.04
CA LEU B 94 2.11 -1.32 -6.34
C LEU B 94 1.32 -2.63 -6.28
N PHE B 95 1.74 -3.58 -5.46
CA PHE B 95 0.99 -4.80 -5.21
C PHE B 95 -0.38 -4.47 -4.61
N THR B 96 -0.40 -3.45 -3.77
CA THR B 96 -1.63 -3.01 -3.12
C THR B 96 -2.54 -2.38 -4.15
N LEU B 97 -1.97 -1.64 -5.12
CA LEU B 97 -2.77 -0.96 -6.17
C LEU B 97 -3.41 -1.97 -7.06
N ALA B 98 -2.67 -3.02 -7.36
CA ALA B 98 -3.18 -4.10 -8.18
C ALA B 98 -4.45 -4.74 -7.59
N ASN B 99 -4.44 -4.98 -6.28
CA ASN B 99 -5.55 -5.54 -5.53
C ASN B 99 -6.72 -4.57 -5.40
N THR B 100 -6.41 -3.29 -5.29
CA THR B 100 -7.43 -2.23 -5.25
C THR B 100 -8.16 -2.11 -6.57
N LYS B 101 -7.39 -2.09 -7.67
CA LYS B 101 -7.98 -1.81 -8.97
C LYS B 101 -8.64 -3.07 -9.51
N CYS B 102 -7.86 -4.15 -9.51
CA CYS B 102 -8.27 -5.38 -10.13
C CYS B 102 -8.12 -6.57 -9.15
N PRO B 103 -8.98 -6.64 -8.11
CA PRO B 103 -8.89 -7.72 -7.11
C PRO B 103 -9.07 -9.15 -7.66
N ASN B 104 -9.64 -9.27 -8.86
CA ASN B 104 -9.83 -10.55 -9.49
C ASN B 104 -8.77 -10.96 -10.52
N ALA B 105 -7.85 -10.05 -10.83
CA ALA B 105 -6.72 -10.33 -11.71
C ALA B 105 -5.66 -11.21 -11.03
N ALA B 106 -4.96 -12.04 -11.80
CA ALA B 106 -3.82 -12.77 -11.25
C ALA B 106 -2.65 -11.81 -11.22
N ILE B 107 -2.02 -11.69 -10.05
CA ILE B 107 -0.74 -10.98 -9.95
C ILE B 107 0.39 -11.99 -10.06
N VAL B 108 1.36 -11.65 -10.90
CA VAL B 108 2.64 -12.37 -10.93
C VAL B 108 3.77 -11.33 -10.81
N SER B 109 4.88 -11.77 -10.23
CA SER B 109 5.96 -10.82 -10.05
C SER B 109 7.31 -11.47 -10.26
N GLY B 110 8.30 -10.61 -10.46
CA GLY B 110 9.68 -11.06 -10.52
C GLY B 110 10.65 -10.03 -9.98
N GLY B 111 11.83 -10.48 -9.62
CA GLY B 111 12.94 -9.58 -9.31
C GLY B 111 14.22 -10.18 -9.87
N TYR B 112 15.15 -9.32 -10.28
CA TYR B 112 16.52 -9.74 -10.62
C TYR B 112 17.51 -9.07 -9.68
N SER B 113 18.31 -9.90 -9.00
CA SER B 113 19.34 -9.49 -8.09
C SER B 113 18.82 -8.62 -6.92
N GLN B 114 19.12 -7.32 -6.91
CA GLN B 114 18.58 -6.46 -5.84
C GLN B 114 17.03 -6.37 -5.88
N GLY B 115 16.44 -6.54 -7.07
CA GLY B 115 14.99 -6.57 -7.23
C GLY B 115 14.32 -7.75 -6.54
N THR B 116 15.08 -8.83 -6.44
CA THR B 116 14.84 -10.00 -5.61
C THR B 116 14.67 -9.66 -4.11
N ALA B 117 15.50 -8.74 -3.63
CA ALA B 117 15.45 -8.28 -2.25
C ALA B 117 14.25 -7.37 -2.06
N VAL B 118 13.96 -6.52 -3.07
CA VAL B 118 12.71 -5.72 -3.13
C VAL B 118 11.44 -6.65 -3.04
N MET B 119 11.44 -7.73 -3.82
CA MET B 119 10.30 -8.68 -3.85
C MET B 119 10.08 -9.41 -2.54
N ALA B 120 11.12 -10.09 -2.08
CA ALA B 120 11.07 -10.77 -0.80
C ALA B 120 10.66 -9.82 0.37
N GLY B 121 11.24 -8.61 0.38
CA GLY B 121 11.02 -7.66 1.48
C GLY B 121 9.58 -7.23 1.50
N SER B 122 9.07 -6.90 0.30
CA SER B 122 7.74 -6.35 0.10
C SER B 122 6.62 -7.39 0.31
N ILE B 123 6.75 -8.54 -0.34
CA ILE B 123 5.74 -9.60 -0.27
C ILE B 123 5.55 -10.13 1.16
N SER B 124 6.65 -10.30 1.89
CA SER B 124 6.56 -10.92 3.21
C SER B 124 5.79 -10.08 4.20
N GLY B 125 5.70 -8.77 3.97
CA GLY B 125 4.91 -7.94 4.86
C GLY B 125 3.53 -7.59 4.34
N LEU B 126 3.09 -8.18 3.22
CA LEU B 126 1.77 -7.82 2.68
C LEU B 126 0.64 -8.58 3.39
N SER B 127 -0.58 -8.06 3.33
CA SER B 127 -1.73 -8.79 3.90
C SER B 127 -1.95 -10.16 3.24
N THR B 128 -2.70 -11.03 3.91
CA THR B 128 -3.00 -12.36 3.34
C THR B 128 -3.85 -12.28 2.05
N THR B 129 -4.69 -11.24 1.97
CA THR B 129 -5.59 -11.00 0.83
C THR B 129 -4.79 -10.71 -0.45
N ILE B 130 -3.80 -9.85 -0.33
CA ILE B 130 -2.89 -9.49 -1.43
C ILE B 130 -1.93 -10.61 -1.76
N LYS B 131 -1.29 -11.21 -0.74
CA LYS B 131 -0.45 -12.41 -0.96
C LYS B 131 -1.20 -13.50 -1.72
N ASN B 132 -2.45 -13.74 -1.32
CA ASN B 132 -3.30 -14.72 -2.06
C ASN B 132 -3.48 -14.39 -3.56
N GLN B 133 -3.58 -13.10 -3.88
CA GLN B 133 -3.69 -12.67 -5.26
C GLN B 133 -2.40 -12.84 -6.09
N ILE B 134 -1.23 -12.93 -5.41
CA ILE B 134 0.05 -13.15 -6.10
C ILE B 134 0.18 -14.66 -6.37
N LYS B 135 0.03 -15.08 -7.62
CA LYS B 135 -0.07 -16.49 -7.95
C LYS B 135 1.31 -17.16 -8.11
N GLY B 136 2.30 -16.35 -8.48
CA GLY B 136 3.68 -16.82 -8.55
C GLY B 136 4.67 -15.69 -8.58
N VAL B 137 5.83 -15.97 -7.99
CA VAL B 137 7.00 -15.06 -7.94
C VAL B 137 8.24 -15.74 -8.55
N VAL B 138 8.88 -15.04 -9.49
CA VAL B 138 10.16 -15.49 -10.04
C VAL B 138 11.35 -14.63 -9.59
N LEU B 139 12.28 -15.27 -8.88
CA LEU B 139 13.47 -14.58 -8.40
C LEU B 139 14.75 -15.05 -9.15
N PHE B 140 15.47 -14.13 -9.78
CA PHE B 140 16.68 -14.51 -10.55
C PHE B 140 17.88 -13.92 -9.85
N GLY B 141 18.80 -14.77 -9.41
CA GLY B 141 19.96 -14.28 -8.67
C GLY B 141 19.47 -13.72 -7.36
N TYR B 142 18.96 -14.62 -6.50
CA TYR B 142 18.33 -14.25 -5.25
C TYR B 142 19.32 -13.89 -4.09
N THR B 143 19.64 -12.59 -3.98
CA THR B 143 20.64 -12.10 -3.01
C THR B 143 20.40 -12.51 -1.55
N LYS B 144 19.16 -12.94 -1.22
CA LYS B 144 18.80 -13.34 0.14
C LYS B 144 18.51 -14.84 0.22
N ASN B 145 18.96 -15.54 -0.80
CA ASN B 145 18.74 -16.97 -0.94
C ASN B 145 19.07 -17.84 0.27
N LEU B 146 20.26 -17.64 0.83
CA LEU B 146 20.73 -18.43 1.97
C LEU B 146 20.15 -17.89 3.27
N GLN B 147 20.00 -16.57 3.36
CA GLN B 147 19.50 -15.88 4.56
C GLN B 147 18.04 -16.28 4.82
N ASN B 148 17.31 -16.49 3.73
CA ASN B 148 15.87 -16.79 3.76
C ASN B 148 15.58 -18.23 3.37
N LEU B 149 16.63 -19.01 3.13
CA LEU B 149 16.55 -20.46 2.84
C LEU B 149 15.79 -20.80 1.58
N GLY B 150 16.07 -20.06 0.51
CA GLY B 150 15.43 -20.28 -0.79
C GLY B 150 13.94 -20.00 -0.85
N ARG B 151 13.42 -19.41 0.23
CA ARG B 151 12.00 -19.06 0.31
C ARG B 151 11.83 -17.51 0.42
N ILE B 152 10.60 -17.02 0.19
CA ILE B 152 10.21 -15.67 0.63
C ILE B 152 9.54 -15.84 1.98
N PRO B 153 10.01 -15.13 3.02
CA PRO B 153 9.34 -15.34 4.33
C PRO B 153 7.83 -15.05 4.28
N ASN B 154 7.02 -15.83 5.00
CA ASN B 154 5.56 -15.61 5.11
C ASN B 154 4.78 -15.74 3.78
N PHE B 155 5.34 -16.45 2.82
CA PHE B 155 4.74 -16.59 1.52
C PHE B 155 5.02 -18.01 1.03
N GLU B 156 4.00 -18.68 0.51
CA GLU B 156 4.12 -20.09 0.11
C GLU B 156 5.16 -20.37 -0.96
N THR B 157 5.95 -21.42 -0.73
CA THR B 157 6.99 -21.88 -1.66
C THR B 157 6.43 -22.38 -2.98
N SER B 158 5.25 -23.01 -2.94
CA SER B 158 4.63 -23.54 -4.16
C SER B 158 4.37 -22.42 -5.15
N LYS B 159 4.36 -21.20 -4.63
CA LYS B 159 4.17 -19.99 -5.40
C LYS B 159 5.49 -19.27 -5.71
N THR B 160 6.62 -19.77 -5.19
CA THR B 160 7.95 -19.17 -5.39
C THR B 160 8.91 -20.05 -6.22
N GLU B 161 9.42 -19.49 -7.31
CA GLU B 161 10.54 -20.08 -8.05
C GLU B 161 11.81 -19.23 -7.94
N VAL B 162 12.83 -19.81 -7.33
CA VAL B 162 14.12 -19.16 -7.16
C VAL B 162 15.06 -19.74 -8.20
N TYR B 163 15.55 -18.90 -9.09
CA TYR B 163 16.57 -19.33 -10.06
C TYR B 163 17.93 -18.86 -9.57
N CYS B 164 18.61 -19.77 -8.90
CA CYS B 164 19.92 -19.49 -8.32
C CYS B 164 21.00 -20.43 -8.87
N ASP B 165 21.83 -19.88 -9.78
CA ASP B 165 23.00 -20.58 -10.32
C ASP B 165 24.08 -20.89 -9.27
N ILE B 166 24.61 -22.13 -9.33
CA ILE B 166 25.72 -22.57 -8.46
C ILE B 166 26.96 -21.65 -8.59
N ALA B 167 27.18 -21.11 -9.80
CA ALA B 167 28.28 -20.19 -10.06
C ALA B 167 27.89 -18.72 -9.88
N ASP B 168 26.91 -18.45 -9.02
CA ASP B 168 26.46 -17.09 -8.75
C ASP B 168 26.72 -16.77 -7.29
N ALA B 169 27.65 -15.86 -7.03
CA ALA B 169 28.14 -15.61 -5.68
C ALA B 169 27.05 -15.10 -4.73
N VAL B 170 26.11 -14.33 -5.28
CA VAL B 170 25.01 -13.73 -4.48
C VAL B 170 24.10 -14.77 -3.81
N CYS B 171 24.04 -15.98 -4.36
CA CYS B 171 23.20 -17.06 -3.83
C CYS B 171 23.77 -17.81 -2.61
N TYR B 172 24.94 -17.38 -2.12
CA TYR B 172 25.59 -18.03 -0.98
C TYR B 172 25.73 -17.10 0.23
N GLY B 173 24.84 -16.13 0.31
CA GLY B 173 24.89 -15.12 1.36
C GLY B 173 26.13 -14.27 1.27
N THR B 174 26.77 -14.07 2.43
CA THR B 174 27.95 -13.23 2.55
C THR B 174 29.26 -14.01 2.43
N LEU B 175 29.14 -15.31 2.11
CA LEU B 175 30.30 -16.24 2.07
C LEU B 175 31.29 -15.96 0.94
N PHE B 176 30.83 -15.37 -0.15
CA PHE B 176 31.75 -15.00 -1.23
C PHE B 176 31.88 -13.49 -1.48
N ILE B 177 31.14 -12.63 -0.78
CA ILE B 177 31.15 -11.20 -1.16
C ILE B 177 31.86 -10.26 -0.17
N PHE B 182 25.18 -11.86 -16.79
CA PHE B 182 23.79 -12.29 -16.94
C PHE B 182 23.58 -13.80 -17.12
N LEU B 183 23.27 -14.46 -16.01
CA LEU B 183 23.23 -15.91 -15.90
C LEU B 183 21.84 -16.53 -16.15
N TYR B 184 20.85 -15.69 -16.46
CA TYR B 184 19.44 -16.10 -16.40
C TYR B 184 18.65 -15.77 -17.65
N GLN B 185 19.31 -15.81 -18.80
CA GLN B 185 18.64 -15.63 -20.10
C GLN B 185 17.61 -16.72 -20.39
N THR B 186 17.98 -17.98 -20.13
CA THR B 186 17.09 -19.10 -20.43
C THR B 186 16.00 -19.26 -19.37
N ASP B 187 16.41 -19.21 -18.10
CA ASP B 187 15.49 -19.26 -16.96
C ASP B 187 14.33 -18.25 -17.11
N ALA B 188 14.61 -17.08 -17.69
CA ALA B 188 13.64 -16.00 -17.83
C ALA B 188 12.78 -16.11 -19.06
N ALA B 189 13.35 -16.69 -20.12
CA ALA B 189 12.71 -16.74 -21.42
C ALA B 189 11.75 -17.90 -21.50
N VAL B 190 12.02 -18.95 -20.72
CA VAL B 190 11.37 -20.23 -20.88
C VAL B 190 10.87 -20.84 -19.55
N ALA B 191 11.79 -21.05 -18.60
CA ALA B 191 11.47 -21.73 -17.31
C ALA B 191 10.51 -20.94 -16.40
N ALA B 192 10.71 -19.61 -16.38
CA ALA B 192 9.96 -18.66 -15.56
C ALA B 192 8.54 -18.39 -16.11
N PRO B 193 8.40 -18.07 -17.43
CA PRO B 193 7.05 -17.89 -17.97
C PRO B 193 6.19 -19.16 -17.89
N ARG B 194 6.85 -20.31 -18.04
CA ARG B 194 6.20 -21.61 -17.81
C ARG B 194 5.71 -21.77 -16.39
N PHE B 195 6.54 -21.40 -15.43
CA PHE B 195 6.16 -21.55 -14.03
C PHE B 195 4.92 -20.70 -13.69
N LEU B 196 4.94 -19.46 -14.18
CA LEU B 196 3.92 -18.45 -13.91
C LEU B 196 2.58 -18.78 -14.60
N GLN B 197 2.63 -19.11 -15.89
CA GLN B 197 1.48 -19.68 -16.60
C GLN B 197 0.78 -20.85 -15.90
N ALA B 198 1.54 -21.81 -15.38
CA ALA B 198 0.98 -22.90 -14.60
C ALA B 198 0.28 -22.42 -13.31
N ARG B 199 0.77 -21.33 -12.72
CA ARG B 199 0.24 -20.82 -11.44
C ARG B 199 -0.93 -19.90 -11.59
N ILE B 200 -0.93 -19.15 -12.69
CA ILE B 200 -2.06 -18.34 -13.15
C ILE B 200 -3.22 -19.23 -13.59
N GLY B 201 -2.89 -20.23 -14.42
CA GLY B 201 -3.85 -20.89 -15.31
C GLY B 201 -3.86 -20.12 -16.63
#